data_4COU
#
_entry.id   4COU
#
_cell.length_a   41.300
_cell.length_b   61.100
_cell.length_c   106.300
_cell.angle_alpha   90.00
_cell.angle_beta   90.00
_cell.angle_gamma   90.00
#
_symmetry.space_group_name_H-M   'P 21 21 21'
#
loop_
_entity.id
_entity.type
_entity.pdbx_description
1 polymer 'EPITHELIAL ADHESIN 6'
2 branched beta-D-galactopyranose-(1-4)-beta-D-glucopyranose
3 non-polymer 'CALCIUM ION'
4 non-polymer 'ACETATE ION'
5 non-polymer GLYCEROL
6 water water
#
_entity_poly.entity_id   1
_entity_poly.type   'polypeptide(L)'
_entity_poly.pdbx_seq_one_letter_code
;MGSSHHHHHHSSGLVPRGSHMKDDYSSSLSNNNLGWTDPTEFPLGCSPNVTTPKNGLSMELYSYDYLKSGSNPCWDAAYL
DPNYPRTGYKSHRLLAKVENVAGNINFYYHAPMGCTSLFDTLPQAYNYRTPLTMTNFTMLLYGYFKPKVTGYHTFTISAD
DLLFVNFGAGNAFDCCKRESSADDFGNYQAYAVWGSQTAKDDLTVHLDAGLYYPIRIFFNNRDNDGALSLTLKTESDPNP
VIDFSDYFYSFDDTKDGCPGLVSYDTS
;
_entity_poly.pdbx_strand_id   A
#
# COMPACT_ATOMS: atom_id res chain seq x y z
N THR A 40 -11.89 -3.99 -12.02
CA THR A 40 -13.17 -3.68 -11.30
C THR A 40 -13.37 -2.15 -11.23
N GLU A 41 -14.22 -1.63 -12.11
CA GLU A 41 -14.44 -0.19 -12.22
C GLU A 41 -15.26 0.41 -11.09
N PHE A 42 -16.14 -0.41 -10.50
CA PHE A 42 -17.01 0.00 -9.39
C PHE A 42 -16.74 -0.86 -8.18
N PRO A 43 -15.63 -0.57 -7.49
CA PRO A 43 -15.27 -1.37 -6.33
C PRO A 43 -16.26 -1.15 -5.19
N LEU A 44 -16.37 -2.16 -4.33
CA LEU A 44 -17.26 -2.07 -3.18
C LEU A 44 -16.59 -1.31 -2.07
N GLY A 45 -17.38 -0.45 -1.42
CA GLY A 45 -16.96 0.30 -0.26
C GLY A 45 -17.70 -0.18 0.96
N CYS A 46 -17.46 0.52 2.06
CA CYS A 46 -17.97 0.12 3.36
C CYS A 46 -18.61 1.29 4.06
N SER A 47 -19.55 0.98 4.95
CA SER A 47 -20.25 1.99 5.71
C SER A 47 -20.14 1.70 7.21
N PRO A 48 -18.96 2.02 7.80
CA PRO A 48 -18.81 1.78 9.25
C PRO A 48 -19.78 2.64 10.06
N ASN A 49 -20.07 2.25 11.31
CA ASN A 49 -21.06 3.00 12.10
C ASN A 49 -20.45 4.13 12.92
N VAL A 50 -19.25 4.59 12.54
CA VAL A 50 -18.37 5.30 13.46
C VAL A 50 -18.52 6.82 13.43
N THR A 51 -18.61 7.41 14.63
CA THR A 51 -18.72 8.86 14.79
C THR A 51 -17.41 9.54 14.42
N THR A 52 -16.32 9.06 15.02
CA THR A 52 -15.01 9.69 14.86
C THR A 52 -13.99 8.66 14.36
N PRO A 53 -13.93 8.46 13.01
CA PRO A 53 -12.99 7.50 12.43
C PRO A 53 -11.54 7.81 12.79
N LYS A 54 -10.73 6.77 12.99
CA LYS A 54 -9.30 6.94 13.29
C LYS A 54 -8.55 7.38 12.04
N ASN A 55 -7.70 8.40 12.15
CA ASN A 55 -6.96 8.92 11.01
C ASN A 55 -5.78 8.01 10.66
N GLY A 56 -5.58 7.80 9.37
CA GLY A 56 -4.39 7.14 8.87
C GLY A 56 -4.56 5.66 8.67
N LEU A 57 -3.57 5.08 7.99
CA LEU A 57 -3.48 3.65 7.78
C LEU A 57 -2.64 2.99 8.86
N SER A 58 -2.75 1.67 8.94
CA SER A 58 -1.83 0.85 9.72
C SER A 58 -0.66 0.45 8.83
N MET A 59 0.51 0.30 9.45
CA MET A 59 1.72 -0.12 8.75
CA MET A 59 1.69 -0.12 8.73
C MET A 59 2.42 -1.23 9.51
N GLU A 60 2.96 -2.19 8.77
CA GLU A 60 3.86 -3.18 9.33
C GLU A 60 5.15 -3.17 8.53
N LEU A 61 6.29 -3.14 9.24
CA LEU A 61 7.60 -3.20 8.62
C LEU A 61 8.25 -4.53 8.93
N TYR A 62 8.92 -5.10 7.91
CA TYR A 62 9.62 -6.39 8.04
C TYR A 62 11.00 -6.33 7.40
N SER A 63 11.91 -7.14 7.91
CA SER A 63 13.23 -7.25 7.35
C SER A 63 13.17 -7.82 5.95
N TYR A 64 14.19 -7.53 5.18
CA TYR A 64 14.41 -8.13 3.87
C TYR A 64 15.92 -8.28 3.64
N ASP A 65 16.51 -9.20 4.39
CA ASP A 65 17.95 -9.40 4.38
C ASP A 65 18.48 -9.72 2.99
N TYR A 66 19.71 -9.28 2.75
CA TYR A 66 20.47 -9.74 1.61
C TYR A 66 20.83 -11.21 1.78
N LEU A 67 21.15 -11.86 0.67
CA LEU A 67 21.68 -13.21 0.71
C LEU A 67 23.03 -13.17 1.37
N LYS A 68 23.48 -14.35 1.81
CA LYS A 68 24.81 -14.53 2.38
C LYS A 68 25.82 -13.90 1.43
N SER A 69 26.75 -13.12 1.96
CA SER A 69 27.80 -12.52 1.13
C SER A 69 28.42 -13.60 0.22
N GLY A 70 28.61 -13.27 -1.05
CA GLY A 70 29.15 -14.23 -2.02
C GLY A 70 28.11 -14.83 -2.96
N SER A 71 26.83 -14.79 -2.60
CA SER A 71 25.76 -15.27 -3.48
C SER A 71 25.65 -14.38 -4.73
N ASN A 72 25.15 -15.00 -5.80
CA ASN A 72 24.86 -14.30 -7.06
C ASN A 72 23.41 -14.55 -7.46
N PRO A 73 22.61 -13.48 -7.59
CA PRO A 73 22.93 -12.09 -7.29
C PRO A 73 22.97 -11.86 -5.79
N CYS A 74 23.18 -10.61 -5.37
CA CYS A 74 23.34 -10.34 -3.94
C CYS A 74 22.04 -10.28 -3.15
N TRP A 75 20.95 -9.96 -3.85
CA TRP A 75 19.65 -9.73 -3.22
C TRP A 75 18.82 -11.00 -3.20
N ASP A 76 17.97 -11.09 -2.18
CA ASP A 76 17.01 -12.16 -2.03
C ASP A 76 15.93 -11.98 -3.12
N ALA A 77 15.61 -13.06 -3.84
CA ALA A 77 14.59 -13.04 -4.90
C ALA A 77 13.17 -13.37 -4.40
N ALA A 78 13.03 -13.63 -3.09
CA ALA A 78 11.74 -13.99 -2.52
C ALA A 78 10.63 -13.01 -2.86
N TYR A 79 10.97 -11.73 -3.01
CA TYR A 79 9.96 -10.71 -3.19
C TYR A 79 9.14 -10.91 -4.47
N LEU A 80 9.66 -11.68 -5.42
CA LEU A 80 8.94 -11.99 -6.68
C LEU A 80 8.08 -13.23 -6.57
N ASP A 81 8.16 -13.94 -5.45
CA ASP A 81 7.30 -15.11 -5.27
CA ASP A 81 7.33 -15.14 -5.29
C ASP A 81 5.86 -14.70 -5.10
N PRO A 82 4.93 -15.37 -5.81
CA PRO A 82 3.51 -15.00 -5.70
C PRO A 82 2.97 -14.91 -4.27
N ASN A 83 3.45 -15.75 -3.36
CA ASN A 83 2.97 -15.75 -1.98
C ASN A 83 3.84 -14.94 -1.02
N TYR A 84 4.92 -14.32 -1.50
CA TYR A 84 5.72 -13.48 -0.58
C TYR A 84 4.86 -12.37 0.04
N PRO A 85 4.02 -11.68 -0.76
CA PRO A 85 3.19 -10.62 -0.17
C PRO A 85 1.98 -11.12 0.63
N ARG A 86 1.74 -12.44 0.64
CA ARG A 86 0.54 -12.98 1.26
C ARG A 86 0.87 -13.52 2.63
N THR A 87 1.81 -14.46 2.68
CA THR A 87 2.30 -14.96 3.97
C THR A 87 3.84 -15.05 4.08
N GLY A 88 4.58 -14.96 2.97
CA GLY A 88 6.03 -15.12 2.99
C GLY A 88 6.76 -14.08 3.83
N TYR A 89 6.27 -12.84 3.81
CA TYR A 89 6.90 -11.78 4.58
C TYR A 89 6.90 -12.09 6.07
N LYS A 90 5.95 -12.93 6.51
CA LYS A 90 5.84 -13.30 7.92
C LYS A 90 7.00 -14.19 8.40
N SER A 91 7.76 -14.75 7.46
CA SER A 91 8.95 -15.54 7.77
C SER A 91 10.16 -14.65 8.04
N HIS A 92 10.01 -13.36 7.73
CA HIS A 92 11.05 -12.39 8.02
C HIS A 92 10.83 -11.78 9.40
N ARG A 93 11.76 -10.94 9.86
CA ARG A 93 11.65 -10.33 11.19
C ARG A 93 10.68 -9.17 11.18
N LEU A 94 9.75 -9.16 12.13
CA LEU A 94 8.87 -8.01 12.32
C LEU A 94 9.71 -6.88 12.89
N LEU A 95 9.66 -5.72 12.26
CA LEU A 95 10.39 -4.55 12.75
C LEU A 95 9.46 -3.69 13.58
N ALA A 96 8.23 -3.49 13.14
CA ALA A 96 7.26 -2.66 13.87
C ALA A 96 5.88 -2.78 13.29
N LYS A 97 4.89 -2.61 14.15
CA LYS A 97 3.52 -2.32 13.75
C LYS A 97 3.25 -0.89 14.22
N VAL A 98 2.81 -0.04 13.29
CA VAL A 98 2.63 1.39 13.48
C VAL A 98 1.22 1.77 13.06
N GLU A 99 0.65 2.80 13.70
CA GLU A 99 -0.67 3.28 13.33
C GLU A 99 -0.62 4.73 12.88
N ASN A 100 -1.75 5.21 12.36
CA ASN A 100 -1.92 6.61 12.01
C ASN A 100 -0.97 7.10 10.92
N VAL A 101 -0.71 6.25 9.93
CA VAL A 101 0.09 6.65 8.78
C VAL A 101 -0.76 7.48 7.81
N ALA A 102 -0.41 8.75 7.69
CA ALA A 102 -1.19 9.68 6.87
C ALA A 102 -0.29 10.82 6.44
N GLY A 103 -0.53 11.30 5.24
CA GLY A 103 0.23 12.40 4.69
C GLY A 103 0.70 12.01 3.33
N ASN A 104 1.81 12.64 2.92
CA ASN A 104 2.47 12.29 1.67
C ASN A 104 3.41 11.13 1.99
N ILE A 105 3.08 9.96 1.47
CA ILE A 105 3.84 8.74 1.74
C ILE A 105 4.90 8.45 0.66
N ASN A 106 5.06 9.36 -0.28
CA ASN A 106 5.98 9.14 -1.38
C ASN A 106 7.42 9.41 -0.97
N PHE A 107 8.33 8.63 -1.51
CA PHE A 107 9.75 8.86 -1.22
C PHE A 107 10.63 8.31 -2.31
N TYR A 108 11.81 8.90 -2.43
CA TYR A 108 12.90 8.33 -3.19
C TYR A 108 14.13 8.28 -2.27
N TYR A 109 14.71 7.10 -2.18
CA TYR A 109 15.89 6.86 -1.38
C TYR A 109 17.03 6.46 -2.30
N HIS A 110 18.09 7.27 -2.31
CA HIS A 110 19.27 6.99 -3.12
C HIS A 110 20.31 6.31 -2.25
N ALA A 111 20.60 5.05 -2.56
CA ALA A 111 21.59 4.27 -1.83
C ALA A 111 22.98 4.73 -2.23
N PRO A 112 23.86 4.99 -1.23
CA PRO A 112 25.23 5.35 -1.50
C PRO A 112 25.98 4.31 -2.33
N MET A 113 25.63 3.04 -2.15
CA MET A 113 26.16 1.97 -3.00
C MET A 113 25.22 0.77 -3.02
N GLY A 114 25.39 -0.08 -4.03
CA GLY A 114 24.58 -1.28 -4.19
C GLY A 114 25.10 -2.48 -3.43
N CYS A 115 24.26 -3.52 -3.35
CA CYS A 115 24.57 -4.74 -2.62
C CYS A 115 25.12 -4.49 -1.21
N THR A 116 24.58 -3.47 -0.56
CA THR A 116 25.05 -3.06 0.75
C THR A 116 23.84 -2.59 1.56
N SER A 117 23.67 -3.15 2.75
CA SER A 117 22.57 -2.80 3.62
C SER A 117 22.95 -1.53 4.38
N LEU A 118 22.17 -0.48 4.15
CA LEU A 118 22.44 0.84 4.70
C LEU A 118 21.21 1.42 5.37
N PHE A 119 21.45 2.20 6.42
CA PHE A 119 20.41 2.72 7.28
C PHE A 119 20.08 4.18 6.97
N ASP A 120 18.79 4.50 6.98
CA ASP A 120 18.30 5.86 6.77
C ASP A 120 16.84 5.86 7.24
N THR A 121 16.14 6.97 7.05
CA THR A 121 14.81 7.14 7.62
C THR A 121 13.74 7.34 6.58
N LEU A 122 12.53 6.94 6.96
CA LEU A 122 11.32 7.15 6.18
C LEU A 122 10.79 8.57 6.38
N PRO A 123 9.97 9.04 5.43
CA PRO A 123 9.30 10.34 5.59
C PRO A 123 8.44 10.39 6.86
N GLN A 124 8.19 11.61 7.35
CA GLN A 124 7.40 11.85 8.57
C GLN A 124 6.02 11.20 8.59
N ALA A 125 5.36 11.11 7.43
CA ALA A 125 4.03 10.48 7.32
C ALA A 125 3.97 9.08 7.91
N TYR A 126 5.07 8.34 7.83
CA TYR A 126 5.07 6.94 8.27
C TYR A 126 5.08 6.72 9.79
N ASN A 127 5.19 7.78 10.59
N ASN A 127 5.29 7.79 10.54
CA ASN A 127 5.22 7.66 12.07
CA ASN A 127 5.21 7.75 12.00
C ASN A 127 6.27 6.70 12.57
C ASN A 127 6.24 6.75 12.56
N TYR A 128 7.41 6.70 11.91
CA TYR A 128 8.49 5.78 12.24
C TYR A 128 9.79 6.57 12.09
N ARG A 129 10.34 6.99 13.22
CA ARG A 129 11.43 7.96 13.23
C ARG A 129 12.84 7.36 13.22
N THR A 130 12.99 6.10 13.61
CA THR A 130 14.33 5.52 13.78
C THR A 130 14.88 4.98 12.46
N PRO A 131 16.20 4.94 12.35
CA PRO A 131 16.77 4.45 11.09
C PRO A 131 16.43 2.98 10.86
N LEU A 132 16.22 2.64 9.60
CA LEU A 132 16.01 1.25 9.20
C LEU A 132 16.80 1.00 7.93
N THR A 133 16.82 -0.24 7.48
CA THR A 133 17.56 -0.62 6.27
C THR A 133 16.79 -0.20 5.01
N MET A 134 16.95 1.07 4.64
CA MET A 134 16.19 1.64 3.52
C MET A 134 16.53 1.00 2.17
N THR A 135 17.71 0.38 2.11
CA THR A 135 18.19 -0.36 0.94
C THR A 135 17.47 -1.68 0.73
N ASN A 136 16.87 -2.20 1.79
CA ASN A 136 16.36 -3.57 1.77
C ASN A 136 15.37 -3.79 2.89
N PHE A 137 14.08 -3.70 2.56
CA PHE A 137 13.01 -3.86 3.54
C PHE A 137 11.68 -4.17 2.86
N THR A 138 10.75 -4.68 3.66
CA THR A 138 9.37 -4.97 3.26
C THR A 138 8.42 -4.11 4.08
N MET A 139 7.38 -3.59 3.45
CA MET A 139 6.41 -2.74 4.13
C MET A 139 4.99 -3.02 3.66
N LEU A 140 4.08 -3.20 4.61
CA LEU A 140 2.65 -3.41 4.35
C LEU A 140 1.87 -2.26 4.97
N LEU A 141 0.97 -1.65 4.19
CA LEU A 141 0.03 -0.64 4.68
C LEU A 141 -1.38 -1.13 4.41
N TYR A 142 -2.29 -0.91 5.34
CA TYR A 142 -3.68 -1.26 5.11
C TYR A 142 -4.60 -0.36 5.89
N GLY A 143 -5.81 -0.21 5.38
CA GLY A 143 -6.83 0.59 6.05
C GLY A 143 -7.90 0.90 5.03
N TYR A 144 -8.44 2.11 5.08
CA TYR A 144 -9.53 2.50 4.21
C TYR A 144 -9.24 3.86 3.57
N PHE A 145 -9.66 4.01 2.32
CA PHE A 145 -9.61 5.25 1.57
C PHE A 145 -11.00 5.87 1.51
N LYS A 146 -11.09 7.15 1.89
CA LYS A 146 -12.34 7.93 1.89
C LYS A 146 -12.21 9.03 0.84
N PRO A 147 -13.01 8.97 -0.24
CA PRO A 147 -12.97 10.07 -1.19
C PRO A 147 -13.58 11.33 -0.62
N LYS A 148 -13.14 12.47 -1.15
CA LYS A 148 -13.75 13.75 -0.82
C LYS A 148 -14.91 14.08 -1.74
N VAL A 149 -14.81 13.66 -3.01
CA VAL A 149 -15.81 14.01 -4.02
C VAL A 149 -16.12 12.75 -4.82
N THR A 150 -17.39 12.51 -5.05
CA THR A 150 -17.82 11.37 -5.83
C THR A 150 -17.41 11.49 -7.29
N GLY A 151 -16.98 10.37 -7.87
CA GLY A 151 -16.61 10.34 -9.28
C GLY A 151 -15.43 9.44 -9.57
N TYR A 152 -14.90 9.55 -10.79
CA TYR A 152 -13.75 8.75 -11.20
C TYR A 152 -12.47 9.26 -10.57
N HIS A 153 -11.73 8.29 -10.03
CA HIS A 153 -10.46 8.50 -9.36
C HIS A 153 -9.43 7.64 -10.07
N THR A 154 -8.31 8.25 -10.45
CA THR A 154 -7.21 7.48 -11.02
C THR A 154 -6.04 7.53 -10.05
N PHE A 155 -5.70 6.35 -9.52
CA PHE A 155 -4.50 6.17 -8.71
C PHE A 155 -3.38 5.68 -9.58
N THR A 156 -2.23 6.36 -9.49
CA THR A 156 -1.06 5.98 -10.26
C THR A 156 0.05 5.63 -9.30
N ILE A 157 0.77 4.55 -9.60
CA ILE A 157 1.88 4.09 -8.77
C ILE A 157 3.17 3.90 -9.57
N SER A 158 4.29 4.05 -8.89
CA SER A 158 5.58 3.64 -9.42
C SER A 158 6.42 3.22 -8.24
N ALA A 159 7.34 2.28 -8.46
CA ALA A 159 8.10 1.72 -7.33
C ALA A 159 9.44 1.17 -7.71
N ASP A 160 10.33 1.26 -6.73
CA ASP A 160 11.60 0.54 -6.75
C ASP A 160 11.69 -0.11 -5.38
N ASP A 161 11.50 -1.43 -5.24
CA ASP A 161 11.36 -2.42 -6.31
C ASP A 161 9.94 -2.87 -6.66
N LEU A 162 9.01 -2.82 -5.72
CA LEU A 162 7.74 -3.49 -5.89
C LEU A 162 6.67 -2.76 -5.11
N LEU A 163 5.52 -2.56 -5.76
CA LEU A 163 4.37 -2.01 -5.10
C LEU A 163 3.13 -2.68 -5.66
N PHE A 164 2.40 -3.38 -4.79
CA PHE A 164 1.19 -4.10 -5.18
C PHE A 164 0.02 -3.52 -4.38
N VAL A 165 -1.04 -3.14 -5.07
CA VAL A 165 -2.18 -2.48 -4.46
C VAL A 165 -3.45 -3.28 -4.68
N ASN A 166 -4.16 -3.57 -3.58
CA ASN A 166 -5.53 -4.05 -3.63
C ASN A 166 -6.45 -2.93 -3.20
N PHE A 167 -7.65 -2.90 -3.76
CA PHE A 167 -8.58 -1.80 -3.49
C PHE A 167 -10.00 -2.33 -3.60
N GLY A 168 -10.80 -2.08 -2.58
CA GLY A 168 -12.20 -2.45 -2.58
C GLY A 168 -12.48 -3.60 -1.63
N ALA A 169 -13.69 -3.63 -1.09
CA ALA A 169 -14.14 -4.73 -0.24
C ALA A 169 -14.05 -6.05 -1.01
N GLY A 170 -13.59 -7.09 -0.33
CA GLY A 170 -13.29 -8.37 -0.96
C GLY A 170 -11.88 -8.36 -1.53
N ASN A 171 -11.64 -7.47 -2.48
CA ASN A 171 -10.36 -7.47 -3.16
C ASN A 171 -9.19 -7.19 -2.21
N ALA A 172 -9.34 -6.20 -1.35
CA ALA A 172 -8.35 -5.93 -0.30
C ALA A 172 -8.68 -6.78 0.93
N PHE A 173 -9.80 -6.46 1.58
CA PHE A 173 -10.32 -7.24 2.69
C PHE A 173 -11.80 -6.91 2.87
N ASP A 174 -12.47 -7.61 3.79
CA ASP A 174 -13.92 -7.48 3.94
C ASP A 174 -14.27 -6.33 4.89
N CYS A 175 -15.41 -5.71 4.66
CA CYS A 175 -15.82 -4.52 5.42
C CYS A 175 -15.93 -4.77 6.93
N CYS A 176 -15.12 -4.05 7.70
CA CYS A 176 -15.06 -4.22 9.17
C CYS A 176 -14.85 -5.69 9.55
N LYS A 177 -14.17 -6.43 8.68
CA LYS A 177 -13.79 -7.82 8.93
C LYS A 177 -12.39 -8.04 8.35
N ARG A 178 -11.51 -7.10 8.64
CA ARG A 178 -10.12 -7.13 8.14
C ARG A 178 -9.33 -8.32 8.69
N GLU A 179 -9.34 -8.50 10.00
CA GLU A 179 -8.51 -9.55 10.63
C GLU A 179 -8.85 -10.93 10.04
N SER A 180 -10.14 -11.22 9.87
CA SER A 180 -10.58 -12.53 9.36
C SER A 180 -10.40 -12.73 7.85
N SER A 181 -10.12 -11.66 7.10
CA SER A 181 -9.92 -11.76 5.65
C SER A 181 -8.55 -11.26 5.22
N ALA A 182 -7.67 -11.03 6.18
CA ALA A 182 -6.39 -10.33 5.96
C ALA A 182 -5.51 -10.96 4.88
N ASP A 183 -5.50 -12.28 4.82
CA ASP A 183 -4.63 -12.99 3.88
C ASP A 183 -5.34 -13.41 2.59
N ASP A 184 -6.58 -12.95 2.40
CA ASP A 184 -7.41 -13.45 1.30
C ASP A 184 -7.61 -12.43 0.17
N PHE A 185 -6.71 -11.46 0.09
CA PHE A 185 -6.78 -10.45 -0.96
C PHE A 185 -6.68 -11.09 -2.35
N GLY A 186 -7.36 -10.47 -3.32
CA GLY A 186 -7.42 -10.99 -4.67
C GLY A 186 -6.40 -10.39 -5.62
N ASN A 187 -6.73 -10.42 -6.90
CA ASN A 187 -5.86 -9.89 -7.94
C ASN A 187 -5.56 -8.41 -7.69
N TYR A 188 -4.33 -8.02 -7.95
CA TYR A 188 -3.92 -6.66 -7.70
C TYR A 188 -4.63 -5.71 -8.67
N GLN A 189 -5.10 -4.60 -8.13
CA GLN A 189 -5.75 -3.57 -8.92
C GLN A 189 -4.74 -2.65 -9.58
N ALA A 190 -3.55 -2.58 -8.99
CA ALA A 190 -2.38 -1.97 -9.62
C ALA A 190 -1.14 -2.68 -9.12
N TYR A 191 -0.13 -2.77 -9.98
CA TYR A 191 1.13 -3.39 -9.61
C TYR A 191 2.27 -2.80 -10.42
N ALA A 192 3.41 -2.64 -9.77
CA ALA A 192 4.59 -2.09 -10.42
C ALA A 192 5.80 -2.79 -9.86
N VAL A 193 6.68 -3.25 -10.75
CA VAL A 193 7.89 -3.95 -10.37
C VAL A 193 9.05 -3.38 -11.18
N TRP A 194 10.05 -2.90 -10.47
CA TRP A 194 11.21 -2.31 -11.07
C TRP A 194 11.85 -3.32 -12.02
N GLY A 195 12.18 -2.87 -13.23
CA GLY A 195 12.87 -3.68 -14.21
C GLY A 195 11.98 -4.56 -15.05
N SER A 196 10.68 -4.56 -14.78
CA SER A 196 9.73 -5.36 -15.53
CA SER A 196 9.73 -5.37 -15.53
C SER A 196 9.08 -4.57 -16.65
N GLN A 197 8.46 -5.28 -17.60
CA GLN A 197 7.59 -4.66 -18.60
C GLN A 197 6.25 -4.41 -17.89
N THR A 198 6.32 -3.68 -16.78
N THR A 198 6.33 -3.64 -16.80
CA THR A 198 5.42 -3.85 -15.66
CA THR A 198 5.20 -3.05 -16.08
C THR A 198 3.93 -3.67 -16.00
C THR A 198 5.81 -2.37 -14.85
N ALA A 199 3.39 -2.48 -15.74
N ALA A 199 6.51 -1.26 -15.09
CA ALA A 199 2.03 -2.19 -16.18
CA ALA A 199 7.27 -0.56 -14.06
C ALA A 199 1.02 -2.29 -15.06
C ALA A 199 6.39 0.44 -13.34
N LYS A 200 -0.19 -1.84 -15.35
N LYS A 200 5.21 0.65 -13.91
CA LYS A 200 -1.14 -1.51 -14.32
CA LYS A 200 4.28 1.60 -13.37
C LYS A 200 -0.40 -0.64 -13.32
C LYS A 200 2.89 1.08 -13.66
N ASP A 201 0.27 0.39 -13.85
N ASP A 201 1.90 1.61 -12.96
CA ASP A 201 0.73 1.48 -13.02
CA ASP A 201 0.53 1.17 -13.17
C ASP A 201 -0.42 2.37 -12.62
C ASP A 201 -0.41 2.21 -12.65
N ASP A 202 -1.65 2.09 -13.08
CA ASP A 202 -2.75 2.88 -12.59
C ASP A 202 -4.02 2.09 -12.45
N LEU A 203 -4.93 2.70 -11.70
CA LEU A 203 -6.20 2.13 -11.38
C LEU A 203 -7.21 3.26 -11.50
N THR A 204 -8.20 3.08 -12.36
CA THR A 204 -9.24 4.08 -12.54
C THR A 204 -10.56 3.47 -12.07
N VAL A 205 -11.15 4.10 -11.05
CA VAL A 205 -12.33 3.57 -10.37
C VAL A 205 -13.34 4.68 -10.04
N HIS A 206 -14.62 4.35 -10.14
CA HIS A 206 -15.66 5.24 -9.69
C HIS A 206 -15.89 5.02 -8.20
N LEU A 207 -15.78 6.08 -7.42
CA LEU A 207 -15.89 6.03 -5.97
C LEU A 207 -16.97 7.00 -5.50
N ASP A 208 -17.62 6.64 -4.40
CA ASP A 208 -18.60 7.50 -3.76
CA ASP A 208 -18.61 7.47 -3.73
C ASP A 208 -18.01 8.10 -2.49
N ALA A 209 -18.17 9.42 -2.35
CA ALA A 209 -17.61 10.12 -1.20
C ALA A 209 -18.22 9.66 0.13
N GLY A 210 -19.36 8.99 0.09
CA GLY A 210 -19.98 8.46 1.30
C GLY A 210 -19.44 7.14 1.83
N LEU A 211 -18.52 6.51 1.09
CA LEU A 211 -18.02 5.19 1.47
C LEU A 211 -16.54 5.21 1.83
N TYR A 212 -16.14 4.24 2.66
CA TYR A 212 -14.73 3.99 2.97
C TYR A 212 -14.31 2.69 2.28
N TYR A 213 -13.24 2.77 1.49
CA TYR A 213 -12.84 1.66 0.64
C TYR A 213 -11.60 0.96 1.19
N PRO A 214 -11.71 -0.35 1.48
CA PRO A 214 -10.52 -1.09 1.90
C PRO A 214 -9.37 -0.96 0.90
N ILE A 215 -8.17 -0.76 1.43
CA ILE A 215 -6.98 -0.59 0.61
C ILE A 215 -5.83 -1.34 1.27
N ARG A 216 -5.03 -2.00 0.44
CA ARG A 216 -3.85 -2.73 0.91
C ARG A 216 -2.72 -2.38 -0.04
N ILE A 217 -1.60 -1.94 0.54
CA ILE A 217 -0.44 -1.52 -0.24
C ILE A 217 0.77 -2.29 0.28
N PHE A 218 1.42 -3.03 -0.61
CA PHE A 218 2.55 -3.90 -0.25
C PHE A 218 3.79 -3.43 -1.02
N PHE A 219 4.85 -3.11 -0.29
CA PHE A 219 6.06 -2.54 -0.87
C PHE A 219 7.29 -3.40 -0.53
N ASN A 220 8.22 -3.48 -1.48
CA ASN A 220 9.51 -4.10 -1.18
C ASN A 220 10.64 -3.35 -1.85
N ASN A 221 11.73 -3.15 -1.12
CA ASN A 221 13.01 -2.76 -1.71
C ASN A 221 13.95 -3.94 -1.51
N ARG A 222 14.44 -4.52 -2.61
CA ARG A 222 15.34 -5.67 -2.54
C ARG A 222 16.81 -5.30 -2.31
N ASP A 223 17.19 -4.08 -2.65
CA ASP A 223 18.59 -3.68 -2.84
C ASP A 223 18.66 -2.25 -3.33
N ASN A 224 19.70 -1.53 -2.92
CA ASN A 224 20.03 -0.26 -3.55
C ASN A 224 18.91 0.77 -3.40
N ASP A 225 18.62 1.55 -4.44
CA ASP A 225 17.64 2.62 -4.35
C ASP A 225 16.27 2.06 -4.02
N GLY A 226 15.46 2.86 -3.34
CA GLY A 226 14.07 2.51 -3.04
C GLY A 226 13.19 3.69 -3.38
N ALA A 227 11.98 3.42 -3.83
CA ALA A 227 11.10 4.51 -4.21
C ALA A 227 9.66 4.04 -4.19
N LEU A 228 8.80 4.94 -3.75
CA LEU A 228 7.37 4.69 -3.73
C LEU A 228 6.67 5.97 -4.10
N SER A 229 5.82 5.89 -5.11
CA SER A 229 4.97 7.01 -5.51
C SER A 229 3.55 6.51 -5.65
N LEU A 230 2.66 7.17 -4.93
CA LEU A 230 1.20 7.04 -5.09
C LEU A 230 0.65 8.44 -5.32
N THR A 231 -0.14 8.60 -6.38
CA THR A 231 -0.82 9.86 -6.65
C THR A 231 -2.26 9.59 -7.07
N LEU A 232 -3.08 10.62 -6.88
CA LEU A 232 -4.49 10.57 -7.21
C LEU A 232 -4.85 11.75 -8.12
N LYS A 233 -5.54 11.42 -9.20
CA LYS A 233 -6.14 12.40 -10.11
C LYS A 233 -7.64 12.15 -10.15
N THR A 234 -8.44 13.17 -9.86
CA THR A 234 -9.88 13.08 -10.01
C THR A 234 -10.28 13.84 -11.26
N GLU A 235 -11.41 13.47 -11.82
CA GLU A 235 -11.85 14.01 -13.09
C GLU A 235 -12.26 15.47 -13.00
N SER A 236 -12.81 15.86 -11.84
CA SER A 236 -13.31 17.22 -11.68
CA SER A 236 -13.33 17.21 -11.63
C SER A 236 -12.27 18.19 -11.09
N ASP A 237 -11.16 17.68 -10.59
CA ASP A 237 -10.11 18.54 -10.01
C ASP A 237 -8.87 18.60 -10.92
N PRO A 238 -8.28 19.81 -11.11
CA PRO A 238 -7.13 19.94 -12.04
C PRO A 238 -5.77 19.50 -11.49
N ASN A 239 -5.60 19.55 -10.17
CA ASN A 239 -4.31 19.27 -9.55
C ASN A 239 -4.26 17.84 -9.00
N PRO A 240 -3.24 17.02 -9.39
CA PRO A 240 -3.07 15.71 -8.74
C PRO A 240 -2.85 15.82 -7.24
N VAL A 241 -3.27 14.79 -6.51
CA VAL A 241 -3.17 14.76 -5.06
C VAL A 241 -2.03 13.82 -4.66
N ILE A 242 -1.13 14.33 -3.81
CA ILE A 242 -0.01 13.56 -3.30
C ILE A 242 -0.01 13.45 -1.77
N ASP A 243 -0.78 14.30 -1.09
CA ASP A 243 -0.89 14.30 0.36
C ASP A 243 -2.23 13.67 0.74
N PHE A 244 -2.19 12.46 1.30
CA PHE A 244 -3.40 11.71 1.64
C PHE A 244 -3.85 11.84 3.10
N SER A 245 -3.40 12.91 3.77
CA SER A 245 -3.79 13.22 5.17
C SER A 245 -5.29 13.05 5.46
N ASP A 246 -6.12 13.61 4.59
CA ASP A 246 -7.58 13.62 4.81
C ASP A 246 -8.31 12.42 4.17
N TYR A 247 -7.57 11.48 3.59
CA TYR A 247 -8.17 10.39 2.81
C TYR A 247 -8.00 9.00 3.43
N PHE A 248 -7.03 8.84 4.33
CA PHE A 248 -6.71 7.52 4.88
C PHE A 248 -7.30 7.39 6.28
N TYR A 249 -7.96 6.26 6.53
CA TYR A 249 -8.62 5.97 7.81
C TYR A 249 -8.45 4.52 8.24
N SER A 250 -8.62 4.28 9.54
CA SER A 250 -8.67 2.93 10.10
C SER A 250 -9.96 2.76 10.90
N PHE A 251 -10.51 1.54 10.89
CA PHE A 251 -11.72 1.19 11.64
C PHE A 251 -11.57 -0.17 12.31
N ASP A 252 -12.09 -0.29 13.53
CA ASP A 252 -12.13 -1.58 14.21
C ASP A 252 -13.08 -2.52 13.48
N ASP A 253 -12.76 -3.81 13.50
CA ASP A 253 -13.64 -4.83 12.96
C ASP A 253 -14.85 -4.97 13.87
N THR A 254 -15.94 -5.49 13.32
CA THR A 254 -17.18 -5.72 14.08
C THR A 254 -17.72 -7.12 13.77
N LYS A 255 -18.56 -7.65 14.67
CA LYS A 255 -19.11 -8.99 14.50
C LYS A 255 -19.89 -9.12 13.19
N ASP A 256 -20.69 -8.12 12.86
CA ASP A 256 -21.57 -8.20 11.68
C ASP A 256 -20.93 -7.71 10.39
N GLY A 257 -19.86 -6.93 10.51
CA GLY A 257 -19.29 -6.26 9.33
C GLY A 257 -20.05 -4.99 9.01
N CYS A 258 -19.59 -4.26 8.01
CA CYS A 258 -20.18 -2.97 7.67
C CYS A 258 -20.24 -2.75 6.16
N PRO A 259 -21.03 -3.57 5.45
CA PRO A 259 -21.11 -3.45 3.99
C PRO A 259 -21.59 -2.07 3.54
N GLY A 260 -21.15 -1.67 2.35
CA GLY A 260 -21.47 -0.36 1.81
C GLY A 260 -22.96 -0.23 1.57
N LEU A 261 -23.48 0.95 1.90
CA LEU A 261 -24.90 1.25 1.78
C LEU A 261 -25.19 2.20 0.60
N VAL A 262 -24.28 2.25 -0.35
CA VAL A 262 -24.48 2.96 -1.63
C VAL A 262 -24.30 1.92 -2.73
N SER A 263 -25.21 1.92 -3.71
CA SER A 263 -25.29 0.89 -4.76
C SER A 263 -25.91 1.47 -6.06
N TYR A 264 -25.40 1.11 -7.24
CA TYR A 264 -25.93 1.70 -8.52
C TYR A 264 -26.47 0.74 -9.56
N ASP A 265 -27.04 -0.40 -9.16
CA ASP A 265 -27.66 -1.29 -10.15
C ASP A 265 -29.05 -1.77 -9.77
#